data_7O5O
#
_entry.id   7O5O
#
_cell.length_a   82.747
_cell.length_b   112.375
_cell.length_c   62.649
_cell.angle_alpha   90.000
_cell.angle_beta   90.000
_cell.angle_gamma   90.000
#
_symmetry.space_group_name_H-M   'C 2 2 21'
#
loop_
_entity.id
_entity.type
_entity.pdbx_description
1 polymer '14-3-3 protein sigma'
2 polymer 'Transcription factor p65'
3 non-polymer 'CHLORIDE ION'
4 non-polymer 4-methanoyl-~{N}-[(1-methylpyrazol-4-yl)methyl]benzamide
5 non-polymer GLYCEROL
6 non-polymer 'CALCIUM ION'
7 water water
#
loop_
_entity_poly.entity_id
_entity_poly.type
_entity_poly.pdbx_seq_one_letter_code
_entity_poly.pdbx_strand_id
1 'polypeptide(L)'
;GAMGSMERASLIQKAKLAEQAERYEDMAAFMKGAVEKGEELS(CSO)EERNLLSVAYKNVVGGQRAAWRVLSSIEQKSNE
EGSEEKGPEVREYREKVETELQGVCDTVLGLLDSHLIKEAGDAESRVFYLKMKGDYYRYLAEVATGDDKKRIIDSARSAY
QEAMDISKKEMPPTNPIRLGLALNFSVFHYEIANSPEEAISLAKTTFDEAMADLHTLSEDSYKDSTLIMQLLRDNLTLWT
;
A
2 'polypeptide(L)' EGRSAG(SEP)IPGRRS P
#
loop_
_chem_comp.id
_chem_comp.type
_chem_comp.name
_chem_comp.formula
CA non-polymer 'CALCIUM ION' 'Ca 2'
CL non-polymer 'CHLORIDE ION' 'Cl -1'
GOL non-polymer GLYCEROL 'C3 H8 O3'
V3K non-polymer 4-methanoyl-~{N}-[(1-methylpyrazol-4-yl)methyl]benzamide 'C13 H13 N3 O2'
#
# COMPACT_ATOMS: atom_id res chain seq x y z
N MET A 3 -2.87 20.05 12.43
CA MET A 3 -1.91 19.74 13.48
C MET A 3 -0.78 20.74 13.47
N GLY A 4 -1.07 21.91 12.89
CA GLY A 4 -0.02 22.90 12.69
C GLY A 4 0.60 23.44 13.96
N SER A 5 -0.14 23.43 15.07
N SER A 5 -0.14 23.42 15.07
CA SER A 5 0.41 23.96 16.32
CA SER A 5 0.37 23.94 16.33
C SER A 5 1.17 22.92 17.14
C SER A 5 1.18 22.92 17.13
N MET A 6 1.18 21.64 16.73
CA MET A 6 1.91 20.63 17.47
C MET A 6 3.32 20.40 16.92
N GLU A 7 4.28 20.20 17.82
CA GLU A 7 5.65 19.89 17.41
C GLU A 7 5.71 18.61 16.58
N ARG A 8 6.61 18.60 15.58
CA ARG A 8 6.81 17.39 14.78
C ARG A 8 7.11 16.19 15.65
N ALA A 9 8.01 16.34 16.63
CA ALA A 9 8.39 15.19 17.45
C ALA A 9 7.21 14.70 18.28
N SER A 10 6.37 15.63 18.76
CA SER A 10 5.17 15.24 19.50
C SER A 10 4.18 14.49 18.61
N LEU A 11 4.02 14.93 17.36
CA LEU A 11 3.16 14.21 16.43
C LEU A 11 3.65 12.78 16.22
N ILE A 12 4.95 12.60 16.04
N ILE A 12 4.95 12.59 16.03
CA ILE A 12 5.50 11.26 15.85
CA ILE A 12 5.46 11.23 15.84
C ILE A 12 5.29 10.42 17.10
C ILE A 12 5.29 10.40 17.10
N GLN A 13 5.58 10.99 18.27
CA GLN A 13 5.37 10.25 19.52
C GLN A 13 3.92 9.86 19.70
N LYS A 14 2.98 10.76 19.39
CA LYS A 14 1.57 10.42 19.52
C LYS A 14 1.11 9.41 18.46
N ALA A 15 1.70 9.46 17.25
CA ALA A 15 1.40 8.40 16.28
C ALA A 15 1.77 7.04 16.83
N LYS A 16 2.91 6.93 17.51
CA LYS A 16 3.30 5.64 18.07
C LYS A 16 2.36 5.21 19.19
N LEU A 17 1.92 6.17 20.01
CA LEU A 17 0.93 5.86 21.04
C LEU A 17 -0.39 5.40 20.43
N ALA A 18 -0.84 6.08 19.37
CA ALA A 18 -2.09 5.70 18.73
C ALA A 18 -2.01 4.30 18.16
N GLU A 19 -0.86 3.94 17.58
CA GLU A 19 -0.73 2.57 17.07
C GLU A 19 -0.85 1.57 18.21
N GLN A 20 -0.24 1.86 19.36
CA GLN A 20 -0.36 0.95 20.50
C GLN A 20 -1.80 0.82 20.98
N ALA A 21 -2.57 1.91 20.88
CA ALA A 21 -3.97 1.95 21.29
C ALA A 21 -4.91 1.51 20.17
N GLU A 22 -4.37 1.10 19.02
CA GLU A 22 -5.17 0.73 17.85
C GLU A 22 -6.14 1.84 17.46
N ARG A 23 -5.68 3.09 17.57
CA ARG A 23 -6.45 4.25 17.15
C ARG A 23 -5.87 4.76 15.82
N TYR A 24 -6.20 4.05 14.74
CA TYR A 24 -5.51 4.28 13.48
C TYR A 24 -5.96 5.57 12.79
N GLU A 25 -7.20 6.01 12.99
N GLU A 25 -7.19 6.00 13.00
CA GLU A 25 -7.61 7.30 12.47
CA GLU A 25 -7.61 7.30 12.47
C GLU A 25 -6.77 8.42 13.08
C GLU A 25 -6.77 8.42 13.08
N ASP A 26 -6.60 8.39 14.41
CA ASP A 26 -5.72 9.34 15.07
C ASP A 26 -4.30 9.22 14.55
N MET A 27 -3.80 7.99 14.45
CA MET A 27 -2.44 7.76 13.97
C MET A 27 -2.24 8.41 12.62
N ALA A 28 -3.21 8.26 11.71
CA ALA A 28 -3.07 8.82 10.37
C ALA A 28 -3.07 10.34 10.43
N ALA A 29 -3.94 10.93 11.25
CA ALA A 29 -3.97 12.38 11.36
C ALA A 29 -2.68 12.94 11.94
N PHE A 30 -2.10 12.23 12.92
CA PHE A 30 -0.82 12.65 13.48
C PHE A 30 0.28 12.60 12.41
N MET A 31 0.36 11.48 11.69
CA MET A 31 1.37 11.35 10.63
C MET A 31 1.14 12.32 9.48
N LYS A 32 -0.12 12.61 9.14
CA LYS A 32 -0.39 13.65 8.14
C LYS A 32 0.16 14.98 8.61
N GLY A 33 -0.08 15.33 9.89
CA GLY A 33 0.52 16.53 10.46
C GLY A 33 2.04 16.52 10.40
N ALA A 34 2.65 15.37 10.70
CA ALA A 34 4.12 15.28 10.65
C ALA A 34 4.64 15.52 9.23
N VAL A 35 3.99 14.91 8.23
CA VAL A 35 4.39 15.12 6.85
C VAL A 35 4.29 16.60 6.49
N GLU A 36 3.18 17.23 6.88
CA GLU A 36 2.97 18.63 6.50
C GLU A 36 3.93 19.58 7.19
N LYS A 37 4.76 19.10 8.13
CA LYS A 37 5.85 19.95 8.62
C LYS A 37 6.87 20.25 7.55
N GLY A 38 6.88 19.49 6.46
CA GLY A 38 7.72 19.77 5.32
C GLY A 38 9.08 19.09 5.31
N GLU A 39 9.48 18.45 6.41
CA GLU A 39 10.74 17.72 6.43
C GLU A 39 10.57 16.32 5.87
N GLU A 40 11.67 15.77 5.35
CA GLU A 40 11.63 14.39 4.89
C GLU A 40 11.37 13.45 6.08
N LEU A 41 10.96 12.22 5.77
CA LEU A 41 10.64 11.24 6.79
C LEU A 41 11.74 10.20 6.88
N SER A 42 12.07 9.80 8.10
CA SER A 42 13.00 8.69 8.32
C SER A 42 12.35 7.36 7.96
N CSO A 43 13.13 6.28 7.98
N CSO A 43 13.13 6.28 7.99
CA CSO A 43 12.63 4.96 7.65
CA CSO A 43 12.62 4.97 7.63
CB CSO A 43 13.77 3.94 7.73
CB CSO A 43 13.77 3.95 7.62
SG CSO A 43 13.18 2.27 7.39
SG CSO A 43 13.13 2.27 7.61
C CSO A 43 11.48 4.59 8.58
C CSO A 43 11.50 4.55 8.58
O CSO A 43 10.40 4.20 8.14
O CSO A 43 10.45 4.06 8.15
OD CSO A 43 12.75 1.48 8.93
OD CSO A 43 12.98 1.68 5.94
N GLU A 44 11.72 4.76 9.89
CA GLU A 44 10.69 4.47 10.89
C GLU A 44 9.43 5.33 10.70
N GLU A 45 9.64 6.61 10.39
CA GLU A 45 8.50 7.52 10.18
C GLU A 45 7.72 7.14 8.94
N ARG A 46 8.41 6.73 7.86
CA ARG A 46 7.69 6.26 6.68
C ARG A 46 6.82 5.05 7.04
N ASN A 47 7.35 4.14 7.86
CA ASN A 47 6.56 2.99 8.27
C ASN A 47 5.32 3.43 9.04
N LEU A 48 5.45 4.42 9.93
CA LEU A 48 4.29 4.87 10.70
C LEU A 48 3.22 5.45 9.77
N LEU A 49 3.65 6.25 8.80
CA LEU A 49 2.70 6.82 7.85
C LEU A 49 1.96 5.73 7.11
N SER A 50 2.71 4.74 6.62
CA SER A 50 2.12 3.66 5.84
C SER A 50 1.20 2.80 6.68
N VAL A 51 1.63 2.42 7.90
CA VAL A 51 0.81 1.56 8.75
C VAL A 51 -0.51 2.26 9.08
N ALA A 52 -0.44 3.55 9.38
CA ALA A 52 -1.65 4.28 9.77
C ALA A 52 -2.69 4.25 8.65
N TYR A 53 -2.30 4.69 7.46
CA TYR A 53 -3.28 4.80 6.39
C TYR A 53 -3.67 3.43 5.86
N LYS A 54 -2.78 2.45 5.96
CA LYS A 54 -3.12 1.09 5.53
C LYS A 54 -4.26 0.55 6.37
N ASN A 55 -4.20 0.77 7.68
CA ASN A 55 -5.26 0.33 8.57
C ASN A 55 -6.57 1.07 8.30
N VAL A 56 -6.49 2.39 8.13
CA VAL A 56 -7.71 3.19 7.91
C VAL A 56 -8.40 2.74 6.64
N VAL A 57 -7.67 2.74 5.52
N VAL A 57 -7.68 2.75 5.52
CA VAL A 57 -8.30 2.33 4.27
CA VAL A 57 -8.23 2.30 4.25
C VAL A 57 -8.63 0.85 4.25
C VAL A 57 -8.67 0.86 4.32
N GLY A 58 -7.92 0.03 5.05
CA GLY A 58 -8.26 -1.38 5.11
C GLY A 58 -9.63 -1.62 5.73
N GLY A 59 -9.96 -0.87 6.78
CA GLY A 59 -11.31 -0.92 7.31
C GLY A 59 -12.36 -0.45 6.33
N GLN A 60 -12.08 0.63 5.58
CA GLN A 60 -13.03 1.13 4.60
C GLN A 60 -13.21 0.14 3.45
N ARG A 61 -12.11 -0.47 2.97
CA ARG A 61 -12.24 -1.48 1.92
C ARG A 61 -13.08 -2.66 2.38
N ALA A 62 -12.84 -3.13 3.61
CA ALA A 62 -13.62 -4.26 4.12
C ALA A 62 -15.09 -3.90 4.18
N ALA A 63 -15.41 -2.70 4.68
CA ALA A 63 -16.82 -2.29 4.74
C ALA A 63 -17.42 -2.15 3.35
N TRP A 64 -16.66 -1.55 2.42
CA TRP A 64 -17.17 -1.40 1.06
C TRP A 64 -17.49 -2.76 0.44
N ARG A 65 -16.66 -3.77 0.68
CA ARG A 65 -16.93 -5.08 0.10
C ARG A 65 -18.18 -5.70 0.69
N VAL A 66 -18.38 -5.57 2.01
CA VAL A 66 -19.62 -6.06 2.62
C VAL A 66 -20.82 -5.41 1.97
N LEU A 67 -20.79 -4.09 1.85
CA LEU A 67 -21.94 -3.36 1.31
C LEU A 67 -22.13 -3.62 -0.18
N SER A 68 -21.03 -3.69 -0.94
N SER A 68 -21.03 -3.69 -0.94
CA SER A 68 -21.15 -4.00 -2.37
CA SER A 68 -21.15 -4.00 -2.37
C SER A 68 -21.77 -5.36 -2.59
C SER A 68 -21.78 -5.36 -2.59
N SER A 69 -21.41 -6.33 -1.76
CA SER A 69 -21.99 -7.67 -1.87
C SER A 69 -23.49 -7.64 -1.56
N ILE A 70 -23.90 -6.92 -0.51
CA ILE A 70 -25.33 -6.79 -0.23
C ILE A 70 -26.04 -6.12 -1.40
N GLU A 71 -25.43 -5.06 -1.93
CA GLU A 71 -26.04 -4.31 -3.03
C GLU A 71 -26.26 -5.21 -4.24
N GLN A 72 -25.29 -6.06 -4.57
CA GLN A 72 -25.44 -6.95 -5.72
C GLN A 72 -26.51 -8.02 -5.47
N LYS A 73 -26.62 -8.50 -4.24
CA LYS A 73 -27.68 -9.45 -3.93
C LYS A 73 -29.06 -8.83 -4.08
N SER A 74 -29.16 -7.51 -3.92
CA SER A 74 -30.45 -6.84 -4.05
C SER A 74 -30.83 -6.56 -5.49
N ASN A 75 -29.87 -6.57 -6.41
CA ASN A 75 -30.11 -6.34 -7.83
C ASN A 75 -29.98 -7.67 -8.57
N GLU A 76 -30.95 -8.56 -8.35
CA GLU A 76 -30.96 -9.86 -9.00
C GLU A 76 -32.38 -10.24 -9.42
N GLY A 83 -35.15 -0.45 -1.51
CA GLY A 83 -35.03 0.98 -1.65
C GLY A 83 -33.61 1.43 -1.98
N PRO A 84 -33.38 2.74 -1.99
CA PRO A 84 -32.05 3.25 -2.34
C PRO A 84 -31.02 3.15 -1.23
N GLU A 85 -31.38 2.58 -0.06
CA GLU A 85 -30.55 2.76 1.12
C GLU A 85 -29.20 2.04 0.97
N VAL A 86 -29.21 0.80 0.48
CA VAL A 86 -27.95 0.04 0.37
C VAL A 86 -27.00 0.76 -0.56
N ARG A 87 -27.49 1.17 -1.74
CA ARG A 87 -26.66 1.93 -2.66
C ARG A 87 -26.18 3.22 -2.04
N GLU A 88 -27.08 3.96 -1.38
CA GLU A 88 -26.69 5.24 -0.78
C GLU A 88 -25.57 5.06 0.23
N TYR A 89 -25.67 4.03 1.07
CA TYR A 89 -24.69 3.84 2.12
C TYR A 89 -23.37 3.29 1.56
N ARG A 90 -23.46 2.39 0.58
CA ARG A 90 -22.22 1.99 -0.13
C ARG A 90 -21.54 3.19 -0.77
N GLU A 91 -22.32 4.08 -1.39
CA GLU A 91 -21.79 5.31 -1.97
C GLU A 91 -21.10 6.17 -0.91
N LYS A 92 -21.70 6.29 0.27
CA LYS A 92 -21.11 7.12 1.33
C LYS A 92 -19.75 6.55 1.75
N VAL A 93 -19.69 5.23 1.99
CA VAL A 93 -18.43 4.60 2.39
C VAL A 93 -17.41 4.74 1.27
N GLU A 94 -17.86 4.57 0.03
CA GLU A 94 -16.96 4.66 -1.11
C GLU A 94 -16.38 6.06 -1.24
N THR A 95 -17.21 7.08 -1.01
CA THR A 95 -16.72 8.46 -1.06
C THR A 95 -15.70 8.72 0.04
N GLU A 96 -15.91 8.16 1.24
N GLU A 96 -15.94 8.20 1.24
CA GLU A 96 -14.96 8.36 2.32
CA GLU A 96 -15.00 8.37 2.33
C GLU A 96 -13.65 7.67 2.01
C GLU A 96 -13.69 7.67 2.04
N LEU A 97 -13.72 6.45 1.49
N LEU A 97 -13.78 6.46 1.47
CA LEU A 97 -12.53 5.73 1.05
CA LEU A 97 -12.59 5.72 1.04
C LEU A 97 -11.76 6.52 0.01
C LEU A 97 -11.78 6.52 0.02
N GLN A 98 -12.46 7.04 -1.02
CA GLN A 98 -11.77 7.82 -2.03
C GLN A 98 -11.14 9.06 -1.44
N GLY A 99 -11.76 9.66 -0.43
CA GLY A 99 -11.15 10.82 0.19
C GLY A 99 -9.85 10.48 0.89
N VAL A 100 -9.81 9.34 1.58
CA VAL A 100 -8.57 8.91 2.24
C VAL A 100 -7.49 8.63 1.22
N CYS A 101 -7.84 7.92 0.13
CA CYS A 101 -6.85 7.66 -0.91
C CYS A 101 -6.33 8.96 -1.49
N ASP A 102 -7.24 9.91 -1.77
CA ASP A 102 -6.82 11.20 -2.31
C ASP A 102 -5.91 11.94 -1.34
N THR A 103 -6.18 11.82 -0.05
CA THR A 103 -5.34 12.49 0.94
C THR A 103 -3.92 11.94 0.92
N VAL A 104 -3.80 10.60 0.88
CA VAL A 104 -2.48 9.98 0.87
C VAL A 104 -1.74 10.35 -0.40
N LEU A 105 -2.43 10.23 -1.54
CA LEU A 105 -1.83 10.60 -2.82
C LEU A 105 -1.38 12.07 -2.82
N GLY A 106 -2.17 12.94 -2.17
CA GLY A 106 -1.76 14.33 -2.07
C GLY A 106 -0.50 14.52 -1.27
N LEU A 107 -0.34 13.72 -0.19
CA LEU A 107 0.87 13.81 0.61
C LEU A 107 2.08 13.34 -0.19
N LEU A 108 1.91 12.26 -0.97
CA LEU A 108 3.02 11.78 -1.77
C LEU A 108 3.41 12.81 -2.82
N ASP A 109 2.42 13.49 -3.39
CA ASP A 109 2.66 14.47 -4.44
C ASP A 109 3.10 15.82 -3.90
N SER A 110 2.83 16.11 -2.61
CA SER A 110 3.14 17.41 -2.01
C SER A 110 3.68 17.22 -0.57
N HIS A 111 4.97 16.87 -0.45
CA HIS A 111 5.92 16.76 -1.54
C HIS A 111 6.89 15.60 -1.29
N LEU A 112 6.35 14.48 -0.81
CA LEU A 112 7.21 13.38 -0.36
C LEU A 112 8.04 12.81 -1.52
N ILE A 113 7.41 12.55 -2.65
CA ILE A 113 8.10 11.82 -3.71
C ILE A 113 9.19 12.69 -4.33
N LYS A 114 8.89 13.96 -4.58
CA LYS A 114 9.87 14.78 -5.27
C LYS A 114 11.11 15.03 -4.44
N GLU A 115 11.00 14.95 -3.11
CA GLU A 115 12.19 15.09 -2.30
C GLU A 115 12.84 13.75 -1.96
N ALA A 116 12.30 12.63 -2.43
CA ALA A 116 12.85 11.32 -2.05
C ALA A 116 13.91 10.90 -3.07
N GLY A 117 15.18 10.92 -2.67
CA GLY A 117 16.28 10.58 -3.55
C GLY A 117 16.93 9.22 -3.35
N ASP A 118 16.91 8.71 -2.12
CA ASP A 118 17.46 7.40 -1.86
C ASP A 118 16.48 6.34 -2.35
N ALA A 119 17.03 5.21 -2.80
CA ALA A 119 16.19 4.12 -3.27
C ALA A 119 15.17 3.67 -2.21
N GLU A 120 15.59 3.55 -0.94
CA GLU A 120 14.69 3.03 0.07
C GLU A 120 13.48 3.96 0.28
N SER A 121 13.68 5.27 0.23
CA SER A 121 12.53 6.16 0.36
C SER A 121 11.73 6.26 -0.93
N ARG A 122 12.41 6.43 -2.07
CA ARG A 122 11.69 6.66 -3.31
C ARG A 122 10.87 5.44 -3.72
N VAL A 123 11.45 4.24 -3.61
CA VAL A 123 10.69 3.03 -3.95
C VAL A 123 9.51 2.86 -2.99
N PHE A 124 9.73 3.14 -1.71
CA PHE A 124 8.65 3.01 -0.73
C PHE A 124 7.48 3.93 -1.08
N TYR A 125 7.77 5.20 -1.39
CA TYR A 125 6.69 6.14 -1.69
C TYR A 125 6.00 5.78 -2.99
N LEU A 126 6.77 5.32 -4.00
CA LEU A 126 6.14 5.01 -5.28
C LEU A 126 5.28 3.76 -5.16
N LYS A 127 5.71 2.78 -4.35
CA LYS A 127 4.86 1.63 -4.05
C LYS A 127 3.56 2.09 -3.39
N MET A 128 3.67 3.00 -2.41
CA MET A 128 2.49 3.61 -1.80
C MET A 128 1.57 4.24 -2.85
N LYS A 129 2.15 5.01 -3.77
CA LYS A 129 1.35 5.63 -4.81
C LYS A 129 0.60 4.58 -5.62
N GLY A 130 1.30 3.51 -6.01
CA GLY A 130 0.63 2.43 -6.71
C GLY A 130 -0.48 1.81 -5.89
N ASP A 131 -0.23 1.59 -4.59
CA ASP A 131 -1.22 0.97 -3.73
C ASP A 131 -2.50 1.82 -3.66
N TYR A 132 -2.36 3.12 -3.44
CA TYR A 132 -3.58 3.91 -3.22
C TYR A 132 -4.33 4.17 -4.52
N TYR A 133 -3.64 4.19 -5.68
CA TYR A 133 -4.40 4.16 -6.93
C TYR A 133 -5.07 2.80 -7.12
N ARG A 134 -4.40 1.72 -6.69
CA ARG A 134 -5.04 0.40 -6.77
C ARG A 134 -6.32 0.37 -5.94
N TYR A 135 -6.30 0.98 -4.75
CA TYR A 135 -7.52 1.02 -3.95
C TYR A 135 -8.60 1.85 -4.63
N LEU A 136 -8.21 2.96 -5.25
CA LEU A 136 -9.18 3.71 -6.06
C LEU A 136 -9.71 2.86 -7.19
N ALA A 137 -8.84 2.08 -7.85
CA ALA A 137 -9.29 1.24 -8.96
C ALA A 137 -10.28 0.17 -8.50
N GLU A 138 -10.14 -0.31 -7.26
CA GLU A 138 -11.03 -1.38 -6.77
C GLU A 138 -12.50 -0.95 -6.80
N VAL A 139 -12.76 0.35 -6.60
CA VAL A 139 -14.13 0.86 -6.55
C VAL A 139 -14.49 1.67 -7.78
N ALA A 140 -13.58 1.80 -8.75
CA ALA A 140 -13.83 2.62 -9.92
C ALA A 140 -14.70 1.87 -10.92
N THR A 141 -15.67 2.59 -11.50
CA THR A 141 -16.61 1.99 -12.45
C THR A 141 -16.94 2.91 -13.62
N GLY A 142 -16.44 4.14 -13.63
CA GLY A 142 -16.84 5.14 -14.58
C GLY A 142 -15.84 5.33 -15.71
N ASP A 143 -15.83 6.54 -16.26
CA ASP A 143 -14.98 6.86 -17.41
C ASP A 143 -13.51 6.96 -17.05
N ASP A 144 -13.14 6.74 -15.79
CA ASP A 144 -11.77 6.90 -15.36
C ASP A 144 -11.19 5.66 -14.68
N LYS A 145 -11.88 4.52 -14.71
CA LYS A 145 -11.23 3.32 -14.18
C LYS A 145 -9.94 3.03 -14.95
N LYS A 146 -9.97 3.19 -16.28
CA LYS A 146 -8.78 2.92 -17.07
C LYS A 146 -7.64 3.86 -16.69
N ARG A 147 -7.94 5.16 -16.54
CA ARG A 147 -6.87 6.09 -16.21
C ARG A 147 -6.33 5.83 -14.80
N ILE A 148 -7.20 5.41 -13.87
CA ILE A 148 -6.75 5.11 -12.52
C ILE A 148 -5.84 3.89 -12.52
N ILE A 149 -6.21 2.86 -13.28
CA ILE A 149 -5.40 1.65 -13.40
C ILE A 149 -4.04 2.00 -13.99
N ASP A 150 -4.02 2.86 -15.01
CA ASP A 150 -2.73 3.22 -15.59
C ASP A 150 -1.88 4.03 -14.63
N SER A 151 -2.52 4.85 -13.78
CA SER A 151 -1.76 5.58 -12.78
C SER A 151 -1.14 4.63 -11.76
N ALA A 152 -1.89 3.61 -11.34
CA ALA A 152 -1.32 2.60 -10.45
C ALA A 152 -0.15 1.88 -11.14
N ARG A 153 -0.38 1.41 -12.37
N ARG A 153 -0.38 1.40 -12.37
CA ARG A 153 0.65 0.67 -13.08
CA ARG A 153 0.65 0.67 -13.08
C ARG A 153 1.92 1.49 -13.25
C ARG A 153 1.92 1.50 -13.23
N SER A 154 1.77 2.77 -13.59
CA SER A 154 2.93 3.63 -13.82
C SER A 154 3.75 3.81 -12.56
N ALA A 155 3.08 4.02 -11.42
CA ALA A 155 3.81 4.17 -10.14
C ALA A 155 4.54 2.89 -9.77
N TYR A 156 3.84 1.75 -9.85
CA TYR A 156 4.47 0.47 -9.57
C TYR A 156 5.66 0.23 -10.48
N GLN A 157 5.52 0.55 -11.76
CA GLN A 157 6.59 0.29 -12.72
C GLN A 157 7.83 1.12 -12.42
N GLU A 158 7.66 2.41 -12.09
N GLU A 158 7.66 2.40 -12.11
CA GLU A 158 8.82 3.22 -11.74
CA GLU A 158 8.80 3.24 -11.71
C GLU A 158 9.51 2.67 -10.49
C GLU A 158 9.50 2.62 -10.51
N ALA A 159 8.72 2.26 -9.49
CA ALA A 159 9.29 1.66 -8.28
C ALA A 159 10.02 0.36 -8.61
N MET A 160 9.43 -0.48 -9.47
CA MET A 160 10.08 -1.71 -9.91
C MET A 160 11.42 -1.41 -10.56
N ASP A 161 11.43 -0.46 -11.49
CA ASP A 161 12.68 -0.16 -12.21
C ASP A 161 13.79 0.26 -11.24
N ILE A 162 13.47 1.13 -10.28
CA ILE A 162 14.48 1.56 -9.31
C ILE A 162 14.92 0.40 -8.43
N SER A 163 13.97 -0.44 -7.97
CA SER A 163 14.31 -1.50 -7.04
C SER A 163 15.21 -2.55 -7.69
N LYS A 164 14.98 -2.85 -8.98
CA LYS A 164 15.88 -3.77 -9.70
C LYS A 164 17.29 -3.22 -9.80
N LYS A 165 17.42 -1.91 -10.01
CA LYS A 165 18.74 -1.32 -10.18
C LYS A 165 19.46 -1.10 -8.86
N GLU A 166 18.73 -0.80 -7.79
CA GLU A 166 19.35 -0.27 -6.58
C GLU A 166 19.25 -1.16 -5.35
N MET A 167 18.46 -2.23 -5.36
CA MET A 167 18.26 -3.01 -4.16
C MET A 167 18.57 -4.48 -4.43
N PRO A 168 19.02 -5.23 -3.44
CA PRO A 168 19.22 -6.66 -3.61
C PRO A 168 17.88 -7.39 -3.72
N PRO A 169 17.85 -8.57 -4.34
CA PRO A 169 16.56 -9.25 -4.56
C PRO A 169 15.85 -9.64 -3.28
N THR A 170 16.54 -9.67 -2.13
CA THR A 170 15.91 -9.99 -0.86
C THR A 170 15.46 -8.77 -0.08
N ASN A 171 15.69 -7.57 -0.59
CA ASN A 171 15.30 -6.38 0.17
C ASN A 171 13.79 -6.39 0.45
N PRO A 172 13.37 -6.25 1.72
CA PRO A 172 11.93 -6.37 2.02
C PRO A 172 11.05 -5.37 1.29
N ILE A 173 11.54 -4.15 1.07
CA ILE A 173 10.78 -3.19 0.28
C ILE A 173 10.61 -3.67 -1.15
N ARG A 174 11.69 -4.17 -1.75
CA ARG A 174 11.61 -4.71 -3.10
C ARG A 174 10.66 -5.91 -3.18
N LEU A 175 10.72 -6.80 -2.18
CA LEU A 175 9.84 -7.96 -2.16
C LEU A 175 8.38 -7.57 -1.98
N GLY A 176 8.10 -6.64 -1.05
CA GLY A 176 6.73 -6.22 -0.83
C GLY A 176 6.17 -5.45 -2.01
N LEU A 177 7.02 -4.69 -2.71
CA LEU A 177 6.60 -4.03 -3.94
C LEU A 177 6.20 -5.04 -4.98
N ALA A 178 7.04 -6.06 -5.19
CA ALA A 178 6.71 -7.07 -6.20
C ALA A 178 5.46 -7.84 -5.79
N LEU A 179 5.31 -8.14 -4.50
CA LEU A 179 4.08 -8.80 -4.05
C LEU A 179 2.85 -7.99 -4.44
N ASN A 180 2.84 -6.69 -4.11
CA ASN A 180 1.66 -5.86 -4.37
C ASN A 180 1.44 -5.62 -5.86
N PHE A 181 2.52 -5.43 -6.63
CA PHE A 181 2.37 -5.30 -8.07
C PHE A 181 1.79 -6.58 -8.68
N SER A 182 2.22 -7.73 -8.16
N SER A 182 2.19 -7.74 -8.15
CA SER A 182 1.63 -8.99 -8.59
CA SER A 182 1.61 -8.98 -8.65
C SER A 182 0.14 -9.04 -8.30
C SER A 182 0.13 -9.06 -8.30
N VAL A 183 -0.26 -8.57 -7.12
CA VAL A 183 -1.69 -8.51 -6.78
C VAL A 183 -2.41 -7.54 -7.72
N PHE A 184 -1.77 -6.40 -8.04
CA PHE A 184 -2.32 -5.49 -9.03
C PHE A 184 -2.58 -6.22 -10.35
N HIS A 185 -1.60 -6.97 -10.83
CA HIS A 185 -1.77 -7.68 -12.10
C HIS A 185 -2.94 -8.64 -12.03
N TYR A 186 -3.04 -9.38 -10.91
CA TYR A 186 -4.04 -10.44 -10.82
C TYR A 186 -5.43 -9.87 -10.63
N GLU A 187 -5.56 -8.90 -9.72
CA GLU A 187 -6.88 -8.48 -9.27
C GLU A 187 -7.43 -7.29 -10.03
N ILE A 188 -6.57 -6.43 -10.56
CA ILE A 188 -6.98 -5.16 -11.16
C ILE A 188 -6.83 -5.19 -12.67
N ALA A 189 -5.67 -5.62 -13.16
CA ALA A 189 -5.31 -5.52 -14.56
C ALA A 189 -5.73 -6.73 -15.39
N ASN A 190 -6.36 -7.73 -14.78
CA ASN A 190 -6.82 -8.93 -15.49
C ASN A 190 -5.66 -9.59 -16.22
N SER A 191 -4.50 -9.67 -15.57
CA SER A 191 -3.30 -10.26 -16.14
C SER A 191 -2.76 -11.32 -15.18
N PRO A 192 -3.51 -12.41 -14.96
CA PRO A 192 -3.03 -13.42 -14.00
C PRO A 192 -1.72 -14.06 -14.40
N GLU A 193 -1.43 -14.22 -15.70
CA GLU A 193 -0.15 -14.78 -16.10
C GLU A 193 1.00 -13.87 -15.70
N GLU A 194 0.82 -12.56 -15.88
CA GLU A 194 1.87 -11.64 -15.46
C GLU A 194 2.04 -11.66 -13.96
N ALA A 195 0.93 -11.77 -13.22
CA ALA A 195 0.99 -11.86 -11.76
C ALA A 195 1.79 -13.09 -11.31
N ILE A 196 1.48 -14.25 -11.88
CA ILE A 196 2.17 -15.48 -11.51
C ILE A 196 3.64 -15.42 -11.90
N SER A 197 3.94 -14.91 -13.10
N SER A 197 3.94 -14.91 -13.10
CA SER A 197 5.33 -14.82 -13.53
CA SER A 197 5.33 -14.82 -13.54
C SER A 197 6.12 -13.90 -12.62
C SER A 197 6.13 -13.89 -12.64
N LEU A 198 5.56 -12.75 -12.27
CA LEU A 198 6.29 -11.83 -11.39
C LEU A 198 6.53 -12.46 -10.03
N ALA A 199 5.50 -13.11 -9.46
CA ALA A 199 5.67 -13.69 -8.11
C ALA A 199 6.71 -14.80 -8.13
N LYS A 200 6.70 -15.63 -9.16
CA LYS A 200 7.65 -16.74 -9.28
C LYS A 200 9.09 -16.24 -9.43
N THR A 201 9.31 -15.32 -10.37
N THR A 201 9.33 -15.30 -10.36
CA THR A 201 10.65 -14.78 -10.59
CA THR A 201 10.69 -14.81 -10.54
C THR A 201 11.16 -14.03 -9.35
C THR A 201 11.17 -14.03 -9.33
N THR A 202 10.27 -13.30 -8.68
CA THR A 202 10.65 -12.59 -7.45
C THR A 202 11.08 -13.57 -6.38
N PHE A 203 10.29 -14.64 -6.20
CA PHE A 203 10.61 -15.64 -5.19
C PHE A 203 11.94 -16.32 -5.50
N ASP A 204 12.11 -16.77 -6.75
CA ASP A 204 13.31 -17.52 -7.12
C ASP A 204 14.56 -16.67 -7.00
N GLU A 205 14.49 -15.39 -7.40
CA GLU A 205 15.69 -14.56 -7.29
C GLU A 205 15.99 -14.21 -5.84
N ALA A 206 14.97 -14.11 -4.99
CA ALA A 206 15.25 -13.91 -3.57
C ALA A 206 15.86 -15.16 -2.96
N MET A 207 15.32 -16.33 -3.30
CA MET A 207 15.87 -17.58 -2.76
C MET A 207 17.37 -17.67 -3.00
N ALA A 208 17.80 -17.29 -4.19
CA ALA A 208 19.21 -17.40 -4.56
C ALA A 208 20.09 -16.38 -3.86
N ASP A 209 19.51 -15.35 -3.25
CA ASP A 209 20.26 -14.30 -2.53
C ASP A 209 20.24 -14.49 -1.02
N LEU A 210 19.52 -15.50 -0.52
CA LEU A 210 19.36 -15.64 0.93
C LEU A 210 20.68 -15.94 1.62
N HIS A 211 21.60 -16.59 0.93
CA HIS A 211 22.87 -16.97 1.54
C HIS A 211 23.69 -15.78 2.00
N THR A 212 23.40 -14.59 1.49
CA THR A 212 24.14 -13.38 1.84
C THR A 212 23.69 -12.73 3.14
N LEU A 213 22.60 -13.20 3.74
CA LEU A 213 21.92 -12.46 4.80
C LEU A 213 22.26 -12.98 6.18
N SER A 214 22.16 -12.07 7.16
CA SER A 214 22.22 -12.43 8.56
C SER A 214 20.97 -13.19 8.98
N GLU A 215 21.01 -13.76 10.19
CA GLU A 215 19.86 -14.48 10.72
C GLU A 215 18.61 -13.60 10.76
N ASP A 216 18.76 -12.33 11.15
CA ASP A 216 17.59 -11.46 11.27
C ASP A 216 17.08 -11.03 9.89
N SER A 217 17.98 -10.68 8.97
CA SER A 217 17.56 -10.33 7.62
C SER A 217 16.94 -11.53 6.91
N TYR A 218 17.48 -12.72 7.16
CA TYR A 218 16.91 -13.94 6.59
C TYR A 218 15.45 -14.12 7.01
N LYS A 219 15.15 -13.89 8.29
N LYS A 219 15.16 -13.90 8.30
CA LYS A 219 13.78 -14.01 8.76
CA LYS A 219 13.78 -13.99 8.77
C LYS A 219 12.88 -12.95 8.11
C LYS A 219 12.88 -12.96 8.10
N ASP A 220 13.38 -11.73 7.96
CA ASP A 220 12.59 -10.67 7.33
C ASP A 220 12.23 -11.04 5.89
N SER A 221 13.21 -11.52 5.13
CA SER A 221 12.97 -11.81 3.71
C SER A 221 12.13 -13.07 3.53
N THR A 222 12.43 -14.13 4.28
CA THR A 222 11.69 -15.37 4.07
C THR A 222 10.22 -15.19 4.44
N LEU A 223 9.93 -14.33 5.42
CA LEU A 223 8.55 -14.04 5.78
C LEU A 223 7.77 -13.50 4.59
N ILE A 224 8.37 -12.55 3.87
CA ILE A 224 7.68 -11.98 2.72
C ILE A 224 7.67 -12.96 1.56
N MET A 225 8.75 -13.72 1.38
CA MET A 225 8.71 -14.73 0.34
C MET A 225 7.56 -15.73 0.56
N GLN A 226 7.24 -16.04 1.81
CA GLN A 226 6.11 -16.94 2.05
C GLN A 226 4.81 -16.33 1.55
N LEU A 227 4.66 -15.01 1.65
CA LEU A 227 3.45 -14.38 1.11
C LEU A 227 3.37 -14.51 -0.40
N LEU A 228 4.51 -14.40 -1.09
CA LEU A 228 4.53 -14.69 -2.53
C LEU A 228 4.12 -16.12 -2.79
N ARG A 229 4.67 -17.06 -2.01
CA ARG A 229 4.32 -18.48 -2.19
C ARG A 229 2.84 -18.73 -1.93
N ASP A 230 2.28 -18.11 -0.90
CA ASP A 230 0.85 -18.30 -0.62
C ASP A 230 0.00 -17.87 -1.80
N ASN A 231 0.32 -16.74 -2.42
CA ASN A 231 -0.42 -16.29 -3.58
C ASN A 231 -0.27 -17.26 -4.74
N LEU A 232 0.97 -17.70 -5.01
CA LEU A 232 1.18 -18.66 -6.10
C LEU A 232 0.37 -19.93 -5.88
N THR A 233 0.30 -20.40 -4.63
CA THR A 233 -0.50 -21.58 -4.31
C THR A 233 -1.98 -21.32 -4.59
N LEU A 234 -2.45 -20.11 -4.27
CA LEU A 234 -3.84 -19.78 -4.56
C LEU A 234 -4.08 -19.63 -6.06
N TRP A 235 -3.08 -19.15 -6.82
CA TRP A 235 -3.27 -18.84 -8.23
C TRP A 235 -2.99 -20.02 -9.16
N THR A 236 -2.41 -21.09 -8.66
CA THR A 236 -2.05 -22.21 -9.53
C THR A 236 -2.58 -23.53 -8.97
N ALA B 5 -6.10 -13.43 -2.52
CA ALA B 5 -4.74 -13.02 -2.85
C ALA B 5 -4.29 -11.90 -1.90
N GLY B 6 -3.19 -12.13 -1.19
CA GLY B 6 -2.75 -11.22 -0.18
C GLY B 6 -1.72 -10.20 -0.62
N SEP B 7 -2.00 -8.92 -0.35
CA SEP B 7 -1.00 -7.89 -0.47
CB SEP B 7 -1.65 -6.53 -0.74
OG SEP B 7 -2.49 -6.25 0.34
C SEP B 7 -0.19 -7.84 0.81
O SEP B 7 -0.48 -8.57 1.76
P SEP B 7 -3.45 -4.99 0.06
O1P SEP B 7 -4.20 -4.84 1.46
O2P SEP B 7 -4.51 -5.33 -1.08
O3P SEP B 7 -2.58 -3.70 -0.26
N ILE B 8 0.79 -6.95 0.88
CA ILE B 8 1.66 -6.92 2.05
C ILE B 8 0.85 -6.32 3.20
N PRO B 9 0.79 -7.04 4.31
CA PRO B 9 0.09 -6.49 5.48
C PRO B 9 0.89 -5.35 6.09
N GLY B 10 0.34 -4.14 6.02
CA GLY B 10 0.90 -3.04 6.77
C GLY B 10 0.23 -3.03 8.13
N ARG B 11 0.15 -4.22 8.72
CA ARG B 11 -0.56 -4.45 9.97
C ARG B 11 0.06 -3.64 11.10
N ARG B 12 1.25 -4.06 11.54
CA ARG B 12 1.96 -3.48 12.66
C ARG B 12 3.23 -2.78 12.19
N SER B 13 3.65 -1.76 12.95
CA SER B 13 4.64 -0.78 12.51
C SER B 13 5.88 -1.38 11.89
CL CL C . -26.00 7.11 3.75
C01 V3K D . 3.52 -10.77 7.28
C03 V3K D . 4.54 -8.56 7.59
C04 V3K D . 5.77 -7.99 7.40
C05 V3K D . 6.60 -8.99 6.89
C07 V3K D . 6.16 -6.54 7.69
C09 V3K D . 7.13 -5.37 5.69
C10 V3K D . 6.90 -4.47 4.47
C11 V3K D . 5.98 -3.42 4.55
C12 V3K D . 5.78 -2.61 3.44
C13 V3K D . 6.47 -2.87 2.27
C14 V3K D . 7.37 -3.92 2.21
C15 V3K D . 7.59 -4.73 3.30
C16 V3K D . 6.23 -1.98 1.05
N02 V3K D . 4.62 -9.83 7.21
N06 V3K D . 5.88 -10.11 6.78
N08 V3K D . 5.99 -5.70 6.53
O17 V3K D . 8.23 -5.77 5.94
CL CL E . 16.06 14.13 -0.32
C1 GOL F . -20.98 6.87 -5.29
O1 GOL F . -20.19 7.44 -4.28
C2 GOL F . -20.02 6.16 -6.17
O2 GOL F . -20.51 5.54 -7.31
C3 GOL F . -19.00 7.21 -6.46
O3 GOL F . -18.19 7.31 -5.31
CA CA G . 9.24 22.83 15.81
#